data_7ERY
#
_entry.id   7ERY
#
_cell.length_a   50.268
_cell.length_b   79.837
_cell.length_c   105.413
_cell.angle_alpha   90.000
_cell.angle_beta   90.000
_cell.angle_gamma   90.000
#
_symmetry.space_group_name_H-M   'P 21 21 21'
#
loop_
_entity.id
_entity.type
_entity.pdbx_description
1 polymer Glycosyltransferase
2 water water
#
_entity_poly.entity_id   1
_entity_poly.type   'polypeptide(L)'
_entity_poly.pdbx_seq_one_letter_code
;MDSGYSSSYAAAAGMHVVICPWLAFGHLLPCLDLAQRLASRGHRVSFVSTPRNISRLPPVRPALAPLVAFVALPLPRVEG
LPDGAESTNDVPHDRPDMVELHRRAFDGLAAPFSEFLGTACADWVIVDVFHHWAAAAALEHKVPCAMMLLGSAHMIASIA
DRRLERAETESPAAAGQGRPAAAPTFEVARMKLIRTKGSSGMSLAERFSLTLSRSSLVVGRSCVEFEPETVPLLSTLRGK
PITFLGLMPPLHEGRREDGEDATVRWLDAQPAKSVVYVALGSEVPLGVEKVHELALGLELAGTRFLWALRKPTGVSDADL
LPAGFEERTRGRGVVATRWVPQMSILAHAAVGAFLTHCGWNSTIEGLMFGHPLIMLPIFGDQGPNARLIEAKNAGLQVAR
NDGDGSFDREGVAAAIRAVAVEEESSKVFQAKAKKLQEIVADMACHERYIDGFIQQLRSYKDLEHHHHHH
;
_entity_poly.pdbx_strand_id   A
#
# COMPACT_ATOMS: atom_id res chain seq x y z
N ALA A 13 -31.26 -0.48 -3.15
CA ALA A 13 -31.31 0.08 -1.78
C ALA A 13 -29.87 0.38 -1.33
N GLY A 14 -29.57 1.64 -1.02
CA GLY A 14 -28.25 2.03 -0.52
C GLY A 14 -27.96 1.30 0.79
N MET A 15 -26.71 0.97 1.05
CA MET A 15 -26.29 0.31 2.29
C MET A 15 -25.48 1.29 3.14
N HIS A 16 -25.45 1.02 4.44
CA HIS A 16 -24.50 1.66 5.37
C HIS A 16 -23.34 0.69 5.58
N VAL A 17 -22.16 1.08 5.11
CA VAL A 17 -20.94 0.26 5.21
C VAL A 17 -20.03 0.91 6.25
N VAL A 18 -19.64 0.14 7.27
CA VAL A 18 -18.64 0.58 8.27
C VAL A 18 -17.29 0.00 7.87
N ILE A 19 -16.28 0.86 7.66
CA ILE A 19 -14.91 0.41 7.29
C ILE A 19 -13.95 0.82 8.41
N CYS A 20 -13.20 -0.14 8.95
CA CYS A 20 -12.25 0.09 10.07
C CYS A 20 -10.91 -0.48 9.64
N PRO A 21 -10.03 0.36 9.08
CA PRO A 21 -8.73 -0.11 8.63
C PRO A 21 -7.73 -0.25 9.78
N TRP A 22 -6.69 -1.01 9.49
CA TRP A 22 -5.50 -1.06 10.35
C TRP A 22 -4.85 0.33 10.47
N LEU A 23 -4.24 0.61 11.62
CA LEU A 23 -3.69 1.93 11.97
C LEU A 23 -2.30 2.09 11.36
N ALA A 24 -2.28 2.11 10.03
CA ALA A 24 -1.07 2.26 9.19
C ALA A 24 -1.52 3.01 7.96
N PHE A 25 -0.78 4.04 7.51
CA PHE A 25 -1.28 4.86 6.38
C PHE A 25 -1.34 3.99 5.11
N GLY A 26 -0.49 2.95 5.02
CA GLY A 26 -0.56 2.01 3.88
C GLY A 26 -1.87 1.25 3.78
N HIS A 27 -2.58 1.09 4.88
CA HIS A 27 -3.91 0.44 4.94
C HIS A 27 -5.03 1.50 4.90
N LEU A 28 -4.85 2.58 5.64
CA LEU A 28 -5.86 3.68 5.70
C LEU A 28 -6.10 4.27 4.31
N LEU A 29 -5.06 4.55 3.52
CA LEU A 29 -5.25 5.36 2.30
C LEU A 29 -6.00 4.55 1.24
N PRO A 30 -5.66 3.27 0.95
CA PRO A 30 -6.51 2.50 0.04
C PRO A 30 -7.95 2.34 0.53
N CYS A 31 -8.14 2.25 1.84
CA CYS A 31 -9.48 2.09 2.43
C CYS A 31 -10.27 3.38 2.22
N LEU A 32 -9.60 4.53 2.28
CA LEU A 32 -10.28 5.83 2.07
C LEU A 32 -10.70 5.93 0.59
N ASP A 33 -9.88 5.40 -0.30
CA ASP A 33 -10.24 5.33 -1.73
C ASP A 33 -11.48 4.45 -1.91
N LEU A 34 -11.46 3.24 -1.32
CA LEU A 34 -12.57 2.27 -1.38
C LEU A 34 -13.84 2.90 -0.83
N ALA A 35 -13.73 3.59 0.31
CA ALA A 35 -14.87 4.31 0.92
C ALA A 35 -15.54 5.23 -0.09
N GLN A 36 -14.73 5.96 -0.86
CA GLN A 36 -15.23 6.95 -1.84
C GLN A 36 -15.81 6.21 -3.06
N ARG A 37 -15.22 5.08 -3.46
CA ARG A 37 -15.79 4.30 -4.60
C ARG A 37 -17.18 3.81 -4.20
N LEU A 38 -17.37 3.34 -2.97
CA LEU A 38 -18.68 2.84 -2.52
C LEU A 38 -19.66 4.01 -2.40
N ALA A 39 -19.22 5.13 -1.83
CA ALA A 39 -20.05 6.34 -1.64
C ALA A 39 -20.54 6.85 -3.00
N SER A 40 -19.68 6.75 -4.02
CA SER A 40 -19.98 7.18 -5.40
C SER A 40 -21.23 6.47 -5.93
N ARG A 41 -21.59 5.30 -5.42
CA ARG A 41 -22.83 4.57 -5.78
C ARG A 41 -23.99 4.86 -4.83
N GLY A 42 -23.84 5.78 -3.89
CA GLY A 42 -24.92 6.21 -3.00
C GLY A 42 -24.93 5.47 -1.69
N HIS A 43 -23.91 4.66 -1.38
CA HIS A 43 -23.82 3.98 -0.07
C HIS A 43 -23.30 4.97 0.95
N ARG A 44 -23.83 4.91 2.16
CA ARG A 44 -23.32 5.69 3.30
C ARG A 44 -22.10 4.93 3.86
N VAL A 45 -20.96 5.58 3.98
CA VAL A 45 -19.76 4.92 4.54
C VAL A 45 -19.39 5.62 5.83
N SER A 46 -19.19 4.82 6.88
CA SER A 46 -18.59 5.26 8.13
C SER A 46 -17.14 4.78 8.15
N PHE A 47 -16.20 5.70 8.08
CA PHE A 47 -14.76 5.41 8.12
C PHE A 47 -14.30 5.62 9.56
N VAL A 48 -14.01 4.49 10.22
CA VAL A 48 -13.76 4.44 11.67
C VAL A 48 -12.27 4.34 11.92
N SER A 49 -11.70 5.32 12.59
CA SER A 49 -10.27 5.30 12.95
C SER A 49 -10.07 6.20 14.17
N THR A 50 -8.83 6.61 14.39
CA THR A 50 -8.46 7.37 15.57
C THR A 50 -8.26 8.81 15.12
N PRO A 51 -8.39 9.78 16.05
CA PRO A 51 -8.49 11.18 15.64
C PRO A 51 -7.25 11.71 14.90
N ARG A 52 -6.05 11.39 15.36
CA ARG A 52 -4.83 11.94 14.72
C ARG A 52 -4.64 11.28 13.36
N ASN A 53 -5.02 10.01 13.22
CA ASN A 53 -4.93 9.34 11.90
C ASN A 53 -5.90 10.02 10.93
N ILE A 54 -7.14 10.24 11.35
CA ILE A 54 -8.15 10.90 10.47
C ILE A 54 -7.65 12.29 10.06
N SER A 55 -7.07 13.03 10.98
CA SER A 55 -6.67 14.45 10.78
C SER A 55 -5.56 14.50 9.72
N ARG A 56 -4.83 13.41 9.54
CA ARG A 56 -3.69 13.30 8.62
C ARG A 56 -4.12 12.70 7.27
N LEU A 57 -5.38 12.30 7.09
CA LEU A 57 -5.80 11.78 5.77
C LEU A 57 -6.12 12.93 4.83
N PRO A 58 -6.05 12.68 3.51
CA PRO A 58 -6.44 13.67 2.52
C PRO A 58 -7.92 13.88 2.65
N PRO A 59 -8.42 15.04 2.19
CA PRO A 59 -9.85 15.30 2.24
C PRO A 59 -10.62 14.38 1.27
N VAL A 60 -11.84 14.03 1.64
CA VAL A 60 -12.74 13.32 0.70
C VAL A 60 -13.05 14.28 -0.45
N ARG A 61 -13.30 13.76 -1.63
CA ARG A 61 -13.72 14.58 -2.77
C ARG A 61 -15.02 15.27 -2.36
N PRO A 62 -15.20 16.56 -2.69
CA PRO A 62 -16.41 17.30 -2.31
C PRO A 62 -17.70 16.56 -2.68
N ALA A 63 -17.72 15.87 -3.82
CA ALA A 63 -18.92 15.12 -4.27
C ALA A 63 -19.31 14.08 -3.22
N LEU A 64 -18.39 13.59 -2.39
CA LEU A 64 -18.73 12.46 -1.48
C LEU A 64 -18.95 12.96 -0.04
N ALA A 65 -18.87 14.29 0.19
CA ALA A 65 -18.92 14.92 1.52
C ALA A 65 -20.13 14.41 2.32
N PRO A 66 -21.37 14.35 1.78
CA PRO A 66 -22.50 13.89 2.60
C PRO A 66 -22.57 12.39 2.83
N LEU A 67 -21.72 11.61 2.17
CA LEU A 67 -21.87 10.14 2.15
C LEU A 67 -20.78 9.46 2.95
N VAL A 68 -19.66 10.12 3.21
CA VAL A 68 -18.55 9.49 3.97
C VAL A 68 -18.44 10.20 5.31
N ALA A 69 -18.72 9.52 6.41
CA ALA A 69 -18.63 10.08 7.78
C ALA A 69 -17.36 9.54 8.44
N PHE A 70 -16.51 10.42 9.01
CA PHE A 70 -15.34 9.99 9.79
C PHE A 70 -15.80 9.80 11.23
N VAL A 71 -15.54 8.62 11.78
CA VAL A 71 -15.87 8.28 13.18
C VAL A 71 -14.53 8.11 13.91
N ALA A 72 -14.23 9.05 14.81
CA ALA A 72 -12.92 9.08 15.53
C ALA A 72 -13.12 8.47 16.92
N LEU A 73 -12.54 7.31 17.17
CA LEU A 73 -12.50 6.66 18.49
C LEU A 73 -11.14 7.00 19.08
N PRO A 74 -11.07 7.58 20.29
CA PRO A 74 -9.78 7.89 20.90
C PRO A 74 -9.02 6.60 21.25
N LEU A 75 -7.74 6.54 20.90
CA LEU A 75 -6.85 5.44 21.36
C LEU A 75 -6.65 5.63 22.86
N PRO A 76 -6.83 4.59 23.70
CA PRO A 76 -6.54 4.73 25.11
C PRO A 76 -5.05 4.99 25.31
N ARG A 77 -4.73 5.65 26.40
CA ARG A 77 -3.33 5.86 26.82
C ARG A 77 -2.74 4.50 27.17
N VAL A 78 -1.54 4.24 26.68
CA VAL A 78 -0.69 3.09 27.09
C VAL A 78 0.67 3.64 27.49
N GLU A 79 1.08 3.43 28.74
CA GLU A 79 2.39 3.86 29.23
C GLU A 79 3.44 3.34 28.24
N GLY A 80 4.30 4.22 27.76
CA GLY A 80 5.40 3.86 26.86
C GLY A 80 5.06 4.18 25.44
N LEU A 81 3.79 4.38 25.10
CA LEU A 81 3.36 4.72 23.72
C LEU A 81 3.16 6.22 23.70
N PRO A 82 3.99 6.98 22.95
CA PRO A 82 3.90 8.45 22.96
C PRO A 82 2.49 8.94 22.59
N ASP A 83 2.06 10.01 23.24
CA ASP A 83 0.83 10.75 22.87
C ASP A 83 0.99 11.10 21.39
N GLY A 84 -0.03 10.79 20.63
CA GLY A 84 -0.06 11.07 19.18
C GLY A 84 0.48 9.93 18.36
N ALA A 85 1.04 8.87 18.97
CA ALA A 85 1.59 7.73 18.22
C ALA A 85 0.44 6.76 17.90
N GLU A 86 -0.38 7.14 16.94
CA GLU A 86 -1.64 6.43 16.62
C GLU A 86 -1.42 5.47 15.46
N SER A 87 -0.35 5.62 14.68
CA SER A 87 -0.11 4.75 13.51
C SER A 87 1.22 4.04 13.66
N THR A 88 1.38 2.90 12.98
CA THR A 88 2.71 2.23 12.87
C THR A 88 3.74 3.27 12.38
N ASN A 89 3.33 4.20 11.54
CA ASN A 89 4.22 5.24 10.93
C ASN A 89 4.88 6.05 12.06
N ASP A 90 4.29 6.08 13.26
CA ASP A 90 4.68 7.00 14.37
C ASP A 90 5.64 6.36 15.35
N VAL A 91 5.90 5.07 15.20
CA VAL A 91 6.72 4.23 16.10
C VAL A 91 8.08 4.00 15.46
N PRO A 92 9.19 4.38 16.12
CA PRO A 92 10.53 4.18 15.56
C PRO A 92 10.77 2.72 15.15
N HIS A 93 11.53 2.53 14.07
CA HIS A 93 11.76 1.19 13.49
C HIS A 93 12.48 0.30 14.52
N ASP A 94 13.33 0.89 15.35
CA ASP A 94 14.24 0.12 16.23
C ASP A 94 13.48 -0.36 17.49
N ARG A 95 12.14 -0.31 17.56
CA ARG A 95 11.44 -0.46 18.87
C ARG A 95 10.26 -1.43 18.78
N PRO A 96 10.52 -2.75 18.66
CA PRO A 96 9.45 -3.75 18.70
C PRO A 96 8.64 -3.70 19.98
N ASP A 97 9.22 -3.22 21.09
CA ASP A 97 8.46 -3.05 22.34
C ASP A 97 7.36 -2.02 22.09
N MET A 98 7.65 -0.92 21.41
CA MET A 98 6.64 0.15 21.19
C MET A 98 5.63 -0.30 20.14
N VAL A 99 6.06 -1.13 19.21
CA VAL A 99 5.13 -1.77 18.24
C VAL A 99 4.05 -2.54 18.99
N GLU A 100 4.44 -3.31 20.00
CA GLU A 100 3.50 -4.12 20.81
C GLU A 100 2.61 -3.17 21.60
N LEU A 101 3.15 -2.08 22.15
CA LEU A 101 2.29 -1.13 22.93
C LEU A 101 1.21 -0.56 22.00
N HIS A 102 1.58 -0.26 20.76
CA HIS A 102 0.64 0.30 19.77
C HIS A 102 -0.48 -0.70 19.51
N ARG A 103 -0.15 -1.98 19.36
CA ARG A 103 -1.19 -3.04 19.26
C ARG A 103 -2.09 -3.08 20.49
N ARG A 104 -1.55 -2.87 21.71
N ARG A 104 -1.54 -2.88 21.71
CA ARG A 104 -2.31 -2.92 22.98
CA ARG A 104 -2.31 -2.93 22.99
C ARG A 104 -3.30 -1.73 23.11
C ARG A 104 -3.29 -1.74 23.11
N ALA A 105 -2.92 -0.59 22.45
CA ALA A 105 -3.75 0.62 22.39
C ALA A 105 -4.87 0.36 21.39
N PHE A 106 -4.50 -0.16 20.21
CA PHE A 106 -5.46 -0.58 19.16
C PHE A 106 -6.53 -1.51 19.73
N ASP A 107 -6.15 -2.55 20.45
CA ASP A 107 -7.14 -3.50 21.03
C ASP A 107 -8.05 -2.82 22.06
N GLY A 108 -7.62 -1.71 22.68
CA GLY A 108 -8.48 -0.90 23.55
C GLY A 108 -9.61 -0.22 22.81
N LEU A 109 -9.63 -0.25 21.47
CA LEU A 109 -10.73 0.33 20.68
C LEU A 109 -11.94 -0.61 20.69
N ALA A 110 -11.81 -1.85 21.19
CA ALA A 110 -12.90 -2.85 21.13
C ALA A 110 -14.21 -2.28 21.69
N ALA A 111 -14.24 -1.77 22.93
CA ALA A 111 -15.49 -1.30 23.59
C ALA A 111 -16.08 -0.09 22.87
N PRO A 112 -15.31 0.99 22.58
CA PRO A 112 -15.86 2.11 21.84
C PRO A 112 -16.38 1.67 20.46
N PHE A 113 -15.68 0.77 19.79
CA PHE A 113 -16.12 0.30 18.45
C PHE A 113 -17.48 -0.41 18.59
N SER A 114 -17.62 -1.27 19.59
CA SER A 114 -18.86 -2.07 19.77
C SER A 114 -20.02 -1.11 20.11
N GLU A 115 -19.75 -0.14 20.97
CA GLU A 115 -20.73 0.91 21.35
C GLU A 115 -21.17 1.66 20.09
N PHE A 116 -20.22 2.08 19.25
CA PHE A 116 -20.51 2.76 17.97
C PHE A 116 -21.42 1.88 17.09
N LEU A 117 -21.05 0.61 16.91
CA LEU A 117 -21.76 -0.27 15.95
C LEU A 117 -23.18 -0.56 16.46
N GLY A 118 -23.34 -0.59 17.78
CA GLY A 118 -24.65 -0.90 18.41
C GLY A 118 -25.72 0.01 17.87
N THR A 119 -25.39 1.28 17.60
CA THR A 119 -26.37 2.30 17.17
C THR A 119 -26.13 2.72 15.71
N ALA A 120 -25.25 2.07 14.97
CA ALA A 120 -24.86 2.53 13.61
C ALA A 120 -25.86 2.11 12.56
N CYS A 121 -26.73 1.11 12.83
CA CYS A 121 -27.61 0.52 11.80
C CYS A 121 -26.76 0.23 10.56
N ALA A 122 -25.67 -0.51 10.74
CA ALA A 122 -24.74 -0.90 9.66
C ALA A 122 -25.28 -2.13 8.93
N ASP A 123 -25.07 -2.19 7.63
CA ASP A 123 -25.43 -3.36 6.78
C ASP A 123 -24.21 -4.27 6.66
N TRP A 124 -23.00 -3.69 6.65
CA TRP A 124 -21.72 -4.42 6.57
C TRP A 124 -20.69 -3.73 7.44
N VAL A 125 -19.80 -4.54 7.96
CA VAL A 125 -18.51 -4.09 8.56
C VAL A 125 -17.40 -4.67 7.69
N ILE A 126 -16.43 -3.82 7.36
CA ILE A 126 -15.24 -4.22 6.56
C ILE A 126 -14.00 -3.87 7.37
N VAL A 127 -13.18 -4.88 7.70
CA VAL A 127 -12.07 -4.71 8.65
C VAL A 127 -10.81 -5.35 8.08
N ASP A 128 -9.66 -5.00 8.65
CA ASP A 128 -8.35 -5.60 8.31
C ASP A 128 -8.12 -6.88 9.13
N VAL A 129 -7.05 -7.62 8.86
CA VAL A 129 -6.76 -8.91 9.56
C VAL A 129 -6.49 -8.70 11.05
N PHE A 130 -6.16 -7.49 11.45
CA PHE A 130 -5.80 -7.18 12.84
C PHE A 130 -7.06 -7.21 13.73
N HIS A 131 -8.25 -7.02 13.18
CA HIS A 131 -9.43 -6.52 13.90
C HIS A 131 -10.26 -7.66 14.48
N HIS A 132 -9.68 -8.54 15.29
CA HIS A 132 -10.44 -9.72 15.81
C HIS A 132 -11.65 -9.21 16.62
N TRP A 133 -11.46 -8.11 17.36
CA TRP A 133 -12.51 -7.52 18.24
C TRP A 133 -13.60 -6.85 17.41
N ALA A 134 -13.27 -6.30 16.25
CA ALA A 134 -14.27 -5.62 15.41
C ALA A 134 -15.16 -6.72 14.79
N ALA A 135 -14.57 -7.84 14.37
CA ALA A 135 -15.35 -8.97 13.82
C ALA A 135 -16.24 -9.54 14.91
N ALA A 136 -15.75 -9.62 16.13
CA ALA A 136 -16.58 -10.05 17.29
C ALA A 136 -17.78 -9.09 17.45
N ALA A 137 -17.55 -7.78 17.38
CA ALA A 137 -18.62 -6.77 17.56
C ALA A 137 -19.65 -6.92 16.44
N ALA A 138 -19.22 -7.16 15.20
CA ALA A 138 -20.11 -7.38 14.04
C ALA A 138 -21.04 -8.57 14.36
N LEU A 139 -20.47 -9.68 14.82
CA LEU A 139 -21.27 -10.88 15.19
C LEU A 139 -22.26 -10.53 16.30
N GLU A 140 -21.81 -9.79 17.32
CA GLU A 140 -22.64 -9.45 18.50
C GLU A 140 -23.85 -8.63 17.99
N HIS A 141 -23.64 -7.76 16.99
CA HIS A 141 -24.67 -6.82 16.50
C HIS A 141 -25.35 -7.38 15.25
N LYS A 142 -25.07 -8.63 14.88
CA LYS A 142 -25.62 -9.35 13.69
C LYS A 142 -25.40 -8.51 12.42
N VAL A 143 -24.19 -8.02 12.24
CA VAL A 143 -23.80 -7.32 10.99
C VAL A 143 -22.76 -8.19 10.30
N PRO A 144 -22.94 -8.59 9.03
CA PRO A 144 -21.91 -9.38 8.36
C PRO A 144 -20.60 -8.58 8.25
N CYS A 145 -19.50 -9.29 8.39
CA CYS A 145 -18.14 -8.73 8.45
C CYS A 145 -17.34 -9.27 7.26
N ALA A 146 -16.76 -8.37 6.48
CA ALA A 146 -15.82 -8.70 5.38
C ALA A 146 -14.40 -8.42 5.87
N MET A 147 -13.51 -9.40 5.70
CA MET A 147 -12.11 -9.24 6.06
C MET A 147 -11.33 -8.86 4.81
N MET A 148 -10.61 -7.73 4.85
CA MET A 148 -9.79 -7.28 3.70
C MET A 148 -8.49 -8.06 3.62
N LEU A 149 -8.18 -8.53 2.41
CA LEU A 149 -6.86 -9.01 2.02
C LEU A 149 -6.56 -8.33 0.70
N LEU A 150 -6.32 -7.01 0.71
CA LEU A 150 -6.24 -6.21 -0.55
C LEU A 150 -4.88 -6.37 -1.19
N GLY A 151 -4.62 -7.61 -1.58
CA GLY A 151 -3.43 -8.04 -2.30
C GLY A 151 -3.85 -8.83 -3.52
N SER A 152 -2.87 -9.52 -4.10
CA SER A 152 -3.09 -10.35 -5.31
C SER A 152 -3.89 -11.59 -4.95
N ALA A 153 -4.47 -12.18 -5.97
CA ALA A 153 -5.05 -13.54 -5.86
C ALA A 153 -3.95 -14.53 -5.47
N HIS A 154 -2.75 -14.33 -5.99
CA HIS A 154 -1.61 -15.21 -5.66
C HIS A 154 -1.33 -15.16 -4.17
N MET A 155 -1.41 -13.97 -3.57
CA MET A 155 -1.19 -13.79 -2.12
C MET A 155 -2.26 -14.57 -1.35
N ILE A 156 -3.52 -14.47 -1.75
CA ILE A 156 -4.62 -15.22 -1.07
C ILE A 156 -4.39 -16.73 -1.24
N ALA A 157 -4.02 -17.17 -2.44
CA ALA A 157 -3.72 -18.60 -2.70
C ALA A 157 -2.59 -19.06 -1.79
N SER A 158 -1.57 -18.22 -1.56
N SER A 158 -1.55 -18.24 -1.64
CA SER A 158 -0.35 -18.56 -0.80
CA SER A 158 -0.36 -18.53 -0.80
C SER A 158 -0.70 -18.66 0.69
C SER A 158 -0.86 -18.80 0.62
N ILE A 159 -1.67 -17.87 1.15
CA ILE A 159 -2.18 -17.99 2.54
C ILE A 159 -2.89 -19.33 2.68
N ALA A 160 -3.78 -19.67 1.74
CA ALA A 160 -4.55 -20.93 1.75
C ALA A 160 -3.57 -22.13 1.72
N ASP A 161 -2.42 -21.99 1.03
CA ASP A 161 -1.41 -23.07 0.93
C ASP A 161 -0.63 -23.07 2.25
N MET A 202 -1.06 -11.74 21.86
CA MET A 202 -1.56 -12.52 20.70
C MET A 202 -0.64 -12.33 19.50
N SER A 203 -0.19 -13.42 18.84
CA SER A 203 0.64 -13.33 17.61
C SER A 203 -0.19 -12.74 16.47
N LEU A 204 0.48 -12.17 15.48
CA LEU A 204 -0.20 -11.66 14.27
C LEU A 204 -0.95 -12.82 13.63
N ALA A 205 -0.35 -14.01 13.55
CA ALA A 205 -0.99 -15.19 12.93
C ALA A 205 -2.28 -15.54 13.70
N GLU A 206 -2.25 -15.49 15.03
CA GLU A 206 -3.43 -15.84 15.87
C GLU A 206 -4.56 -14.81 15.66
N ARG A 207 -4.19 -13.55 15.57
CA ARG A 207 -5.11 -12.42 15.28
C ARG A 207 -5.78 -12.63 13.92
N PHE A 208 -5.00 -12.86 12.87
CA PHE A 208 -5.49 -13.15 11.50
C PHE A 208 -6.51 -14.28 11.52
N SER A 209 -6.12 -15.38 12.18
CA SER A 209 -6.95 -16.60 12.21
C SER A 209 -8.27 -16.28 12.88
N LEU A 210 -8.24 -15.56 13.99
CA LEU A 210 -9.45 -15.25 14.75
C LEU A 210 -10.32 -14.28 13.94
N THR A 211 -9.76 -13.28 13.26
CA THR A 211 -10.58 -12.36 12.42
C THR A 211 -11.25 -13.17 11.28
N LEU A 212 -10.49 -14.04 10.64
CA LEU A 212 -11.03 -14.84 9.50
C LEU A 212 -12.18 -15.72 9.98
N SER A 213 -11.99 -16.41 11.12
CA SER A 213 -12.99 -17.31 11.76
C SER A 213 -14.31 -16.51 11.91
N ARG A 214 -14.20 -15.25 12.31
CA ARG A 214 -15.34 -14.43 12.71
C ARG A 214 -15.88 -13.65 11.52
N SER A 215 -15.30 -13.74 10.32
CA SER A 215 -15.77 -13.01 9.14
C SER A 215 -16.69 -13.87 8.28
N SER A 216 -17.49 -13.21 7.43
CA SER A 216 -18.41 -13.81 6.45
C SER A 216 -17.79 -14.00 5.06
N LEU A 217 -16.80 -13.19 4.73
CA LEU A 217 -16.40 -12.93 3.32
C LEU A 217 -14.97 -12.39 3.38
N VAL A 218 -14.13 -12.77 2.42
CA VAL A 218 -12.76 -12.23 2.28
C VAL A 218 -12.70 -11.42 0.99
N VAL A 219 -12.04 -10.28 1.02
CA VAL A 219 -12.03 -9.34 -0.13
C VAL A 219 -10.60 -9.17 -0.66
N GLY A 220 -10.37 -9.51 -1.94
CA GLY A 220 -9.04 -9.32 -2.55
C GLY A 220 -9.01 -8.16 -3.53
N ARG A 221 -7.81 -7.68 -3.86
CA ARG A 221 -7.62 -6.54 -4.78
C ARG A 221 -6.98 -7.07 -6.05
N SER A 222 -7.74 -7.84 -6.81
CA SER A 222 -7.28 -8.27 -8.14
C SER A 222 -8.49 -8.64 -8.98
N CYS A 223 -8.23 -9.29 -10.10
CA CYS A 223 -9.28 -9.67 -11.06
C CYS A 223 -8.75 -10.76 -11.95
N VAL A 224 -9.66 -11.44 -12.64
CA VAL A 224 -9.25 -12.53 -13.55
C VAL A 224 -8.47 -11.95 -14.73
N GLU A 225 -8.69 -10.68 -15.13
CA GLU A 225 -7.90 -10.05 -16.22
C GLU A 225 -6.42 -10.07 -15.86
N PHE A 226 -6.06 -9.74 -14.61
CA PHE A 226 -4.66 -9.62 -14.16
C PHE A 226 -4.09 -10.97 -13.77
N GLU A 227 -4.90 -11.87 -13.18
CA GLU A 227 -4.44 -13.20 -12.69
C GLU A 227 -5.33 -14.32 -13.21
N PRO A 228 -5.41 -14.51 -14.54
CA PRO A 228 -6.30 -15.55 -15.06
C PRO A 228 -5.87 -16.97 -14.68
N GLU A 229 -4.60 -17.12 -14.30
CA GLU A 229 -4.02 -18.42 -13.87
C GLU A 229 -4.49 -18.78 -12.45
N THR A 230 -4.91 -17.80 -11.62
CA THR A 230 -5.21 -18.03 -10.19
C THR A 230 -6.70 -17.79 -9.88
N VAL A 231 -7.26 -16.64 -10.27
CA VAL A 231 -8.61 -16.27 -9.79
C VAL A 231 -9.59 -17.42 -10.02
N PRO A 232 -9.65 -18.09 -11.20
CA PRO A 232 -10.63 -19.15 -11.44
C PRO A 232 -10.43 -20.39 -10.56
N LEU A 233 -9.25 -20.54 -9.97
CA LEU A 233 -8.92 -21.73 -9.13
C LEU A 233 -9.36 -21.47 -7.70
N LEU A 234 -9.70 -20.23 -7.34
CA LEU A 234 -10.03 -19.83 -5.95
C LEU A 234 -11.55 -19.78 -5.81
N SER A 235 -12.05 -20.23 -4.67
CA SER A 235 -13.46 -20.00 -4.29
C SER A 235 -13.49 -19.50 -2.86
N THR A 236 -12.81 -20.23 -1.97
CA THR A 236 -12.83 -19.94 -0.53
C THR A 236 -11.42 -19.89 0.05
N LEU A 237 -11.28 -19.13 1.11
CA LEU A 237 -10.05 -19.12 1.92
C LEU A 237 -10.44 -19.81 3.22
N ARG A 238 -9.97 -21.04 3.37
CA ARG A 238 -10.30 -21.88 4.55
C ARG A 238 -11.82 -21.89 4.80
N GLY A 239 -12.62 -22.06 3.76
CA GLY A 239 -14.11 -22.17 3.84
C GLY A 239 -14.82 -20.84 3.82
N LYS A 240 -14.12 -19.72 3.85
CA LYS A 240 -14.77 -18.39 3.73
C LYS A 240 -14.75 -17.96 2.27
N PRO A 241 -15.90 -17.54 1.72
CA PRO A 241 -15.92 -17.07 0.34
C PRO A 241 -14.95 -15.92 0.11
N ILE A 242 -14.37 -15.93 -1.10
CA ILE A 242 -13.43 -14.89 -1.61
C ILE A 242 -14.18 -14.09 -2.67
N THR A 243 -14.12 -12.78 -2.53
CA THR A 243 -14.61 -11.83 -3.56
C THR A 243 -13.43 -10.97 -3.99
N PHE A 244 -13.34 -10.63 -5.27
CA PHE A 244 -12.30 -9.72 -5.77
C PHE A 244 -12.96 -8.42 -6.19
N LEU A 245 -12.40 -7.29 -5.75
CA LEU A 245 -13.01 -5.97 -6.05
C LEU A 245 -12.22 -5.24 -7.13
N GLY A 246 -11.41 -5.97 -7.90
CA GLY A 246 -10.62 -5.38 -8.98
C GLY A 246 -9.32 -4.81 -8.48
N LEU A 247 -8.58 -4.12 -9.34
CA LEU A 247 -7.28 -3.57 -8.92
C LEU A 247 -7.43 -2.17 -8.29
N MET A 248 -8.59 -1.52 -8.40
CA MET A 248 -8.87 -0.19 -7.79
C MET A 248 -7.65 0.73 -8.01
N PRO A 249 -7.23 0.95 -9.26
CA PRO A 249 -6.10 1.84 -9.54
C PRO A 249 -6.47 3.26 -9.11
N PRO A 250 -5.50 4.04 -8.59
CA PRO A 250 -5.82 5.36 -8.08
C PRO A 250 -6.31 6.27 -9.19
N LEU A 251 -7.23 7.14 -8.81
CA LEU A 251 -7.79 8.14 -9.75
C LEU A 251 -6.66 9.11 -10.10
N HIS A 252 -6.51 9.39 -11.39
CA HIS A 252 -5.56 10.36 -11.99
C HIS A 252 -5.60 11.68 -11.23
N GLU A 253 -4.47 12.08 -10.66
CA GLU A 253 -4.29 13.33 -9.88
C GLU A 253 -3.47 14.34 -10.70
N GLY A 254 -2.77 13.88 -11.75
CA GLY A 254 -1.81 14.72 -12.50
C GLY A 254 -2.47 16.00 -12.96
N ARG A 255 -1.78 17.14 -12.85
CA ARG A 255 -2.34 18.46 -13.24
C ARG A 255 -1.32 19.14 -14.15
N ARG A 256 -1.82 19.92 -15.12
CA ARG A 256 -1.00 20.78 -16.01
C ARG A 256 0.06 21.52 -15.17
N GLU A 257 -0.34 22.12 -14.04
CA GLU A 257 0.54 23.01 -13.23
C GLU A 257 1.71 22.23 -12.61
N ASP A 258 1.61 20.90 -12.48
CA ASP A 258 2.73 20.03 -12.00
C ASP A 258 3.99 20.22 -12.86
N GLY A 259 3.83 20.60 -14.14
CA GLY A 259 4.94 20.81 -15.09
C GLY A 259 5.92 21.87 -14.63
N GLU A 260 5.50 22.74 -13.70
CA GLU A 260 6.34 23.79 -13.07
C GLU A 260 7.22 23.22 -11.95
N ASP A 261 6.89 22.06 -11.40
CA ASP A 261 7.62 21.53 -10.23
C ASP A 261 9.09 21.32 -10.64
N ALA A 262 10.05 21.65 -9.77
CA ALA A 262 11.50 21.53 -10.06
C ALA A 262 11.83 20.08 -10.46
N THR A 263 11.18 19.08 -9.85
CA THR A 263 11.40 17.63 -10.14
C THR A 263 10.99 17.35 -11.58
N VAL A 264 9.87 17.90 -12.05
CA VAL A 264 9.38 17.58 -13.42
C VAL A 264 10.22 18.36 -14.43
N ARG A 265 10.59 19.60 -14.13
CA ARG A 265 11.50 20.40 -15.00
C ARG A 265 12.87 19.70 -15.08
N TRP A 266 13.32 19.04 -14.01
CA TRP A 266 14.53 18.17 -14.07
C TRP A 266 14.29 16.95 -14.99
N LEU A 267 13.16 16.25 -14.85
CA LEU A 267 12.85 15.07 -15.71
C LEU A 267 12.87 15.49 -17.17
N ASP A 268 12.30 16.66 -17.49
CA ASP A 268 12.22 17.20 -18.87
C ASP A 268 13.58 17.20 -19.56
N ALA A 269 14.66 17.40 -18.80
CA ALA A 269 16.07 17.48 -19.27
C ALA A 269 16.71 16.10 -19.47
N GLN A 270 16.05 15.00 -19.07
CA GLN A 270 16.68 13.63 -19.10
C GLN A 270 16.17 12.81 -20.28
N PRO A 271 17.00 11.90 -20.85
CA PRO A 271 16.56 11.02 -21.92
C PRO A 271 15.35 10.14 -21.51
N ALA A 272 14.51 9.79 -22.48
CA ALA A 272 13.36 8.88 -22.30
C ALA A 272 13.81 7.61 -21.55
N LYS A 273 13.02 7.17 -20.55
CA LYS A 273 13.19 5.88 -19.83
C LYS A 273 14.56 5.76 -19.16
N SER A 274 15.21 6.88 -18.81
CA SER A 274 16.58 6.94 -18.25
C SER A 274 16.54 7.05 -16.73
N VAL A 275 15.42 7.45 -16.14
CA VAL A 275 15.33 7.82 -14.69
C VAL A 275 14.67 6.70 -13.89
N VAL A 276 15.35 6.24 -12.85
CA VAL A 276 14.71 5.39 -11.81
C VAL A 276 14.02 6.32 -10.82
N TYR A 277 12.69 6.26 -10.76
CA TYR A 277 11.93 6.98 -9.71
C TYR A 277 11.88 6.10 -8.47
N VAL A 278 12.25 6.66 -7.32
CA VAL A 278 12.32 5.95 -6.02
C VAL A 278 11.30 6.58 -5.07
N ALA A 279 10.38 5.79 -4.54
CA ALA A 279 9.40 6.30 -3.56
C ALA A 279 8.95 5.15 -2.68
N LEU A 280 9.44 5.08 -1.45
CA LEU A 280 9.04 4.04 -0.46
C LEU A 280 7.85 4.53 0.36
N GLY A 281 7.45 5.79 0.23
CA GLY A 281 6.28 6.33 0.94
C GLY A 281 6.63 6.87 2.31
N SER A 282 5.62 7.33 3.06
CA SER A 282 5.79 8.06 4.35
C SER A 282 6.28 7.09 5.46
N GLU A 283 5.88 5.82 5.36
CA GLU A 283 6.02 4.73 6.38
C GLU A 283 7.50 4.42 6.62
N VAL A 284 8.15 3.74 5.67
CA VAL A 284 9.58 3.31 5.67
C VAL A 284 9.99 2.77 7.04
N PRO A 285 9.60 1.51 7.35
CA PRO A 285 10.16 0.80 8.51
C PRO A 285 11.59 0.34 8.20
N LEU A 286 12.51 1.30 8.03
CA LEU A 286 13.96 1.05 7.79
C LEU A 286 14.75 1.81 8.84
N GLY A 287 15.79 1.16 9.36
CA GLY A 287 16.88 1.89 10.06
C GLY A 287 17.61 2.79 9.07
N VAL A 288 18.24 3.83 9.60
CA VAL A 288 19.08 4.77 8.81
C VAL A 288 20.11 3.97 8.00
N GLU A 289 20.66 2.87 8.54
CA GLU A 289 21.71 2.07 7.84
C GLU A 289 21.12 1.51 6.52
N LYS A 290 19.86 1.14 6.48
CA LYS A 290 19.25 0.62 5.23
C LYS A 290 18.90 1.75 4.27
N VAL A 291 18.53 2.92 4.77
CA VAL A 291 18.41 4.12 3.89
C VAL A 291 19.76 4.31 3.19
N HIS A 292 20.86 4.20 3.93
CA HIS A 292 22.23 4.35 3.37
C HIS A 292 22.49 3.25 2.36
N GLU A 293 22.14 1.98 2.64
CA GLU A 293 22.35 0.88 1.66
C GLU A 293 21.58 1.21 0.36
N LEU A 294 20.34 1.70 0.48
CA LEU A 294 19.54 2.07 -0.70
C LEU A 294 20.26 3.19 -1.49
N ALA A 295 20.67 4.23 -0.79
CA ALA A 295 21.38 5.39 -1.36
C ALA A 295 22.61 4.89 -2.12
N LEU A 296 23.43 4.09 -1.44
CA LEU A 296 24.70 3.64 -2.05
C LEU A 296 24.41 2.71 -3.24
N GLY A 297 23.39 1.87 -3.16
CA GLY A 297 22.96 1.00 -4.27
C GLY A 297 22.55 1.83 -5.49
N LEU A 298 21.75 2.88 -5.30
CA LEU A 298 21.35 3.82 -6.38
C LEU A 298 22.62 4.46 -6.95
N GLU A 299 23.50 4.93 -6.07
CA GLU A 299 24.76 5.60 -6.50
C GLU A 299 25.61 4.64 -7.33
N LEU A 300 25.88 3.45 -6.76
CA LEU A 300 26.86 2.52 -7.34
C LEU A 300 26.34 2.05 -8.70
N ALA A 301 25.03 1.87 -8.88
CA ALA A 301 24.45 1.35 -10.13
C ALA A 301 24.58 2.40 -11.26
N GLY A 302 24.67 3.69 -10.94
CA GLY A 302 25.08 4.73 -11.89
C GLY A 302 23.94 5.34 -12.71
N THR A 303 22.68 4.95 -12.52
CA THR A 303 21.56 5.50 -13.32
C THR A 303 21.19 6.86 -12.76
N ARG A 304 20.52 7.64 -13.59
CA ARG A 304 19.77 8.82 -13.12
C ARG A 304 18.67 8.32 -12.18
N PHE A 305 18.34 9.13 -11.19
CA PHE A 305 17.30 8.79 -10.19
C PHE A 305 16.66 10.08 -9.69
N LEU A 306 15.39 9.96 -9.37
CA LEU A 306 14.59 10.99 -8.66
C LEU A 306 14.01 10.27 -7.44
N TRP A 307 14.42 10.69 -6.25
CA TRP A 307 14.08 9.96 -5.01
C TRP A 307 13.18 10.85 -4.18
N ALA A 308 11.90 10.47 -4.07
CA ALA A 308 10.97 11.10 -3.12
C ALA A 308 11.19 10.43 -1.76
N LEU A 309 12.01 11.05 -0.92
CA LEU A 309 12.51 10.44 0.34
C LEU A 309 11.78 11.07 1.49
N ARG A 310 10.96 10.27 2.16
CA ARG A 310 10.37 10.57 3.48
C ARG A 310 11.22 9.77 4.49
N LYS A 311 11.82 10.50 5.43
CA LYS A 311 12.68 9.99 6.52
C LYS A 311 11.95 8.91 7.28
N PRO A 312 12.63 7.84 7.74
CA PRO A 312 12.05 6.98 8.78
C PRO A 312 11.81 7.82 10.04
N THR A 313 10.81 7.46 10.85
CA THR A 313 10.51 8.15 12.13
C THR A 313 11.75 8.15 13.04
N GLY A 314 12.11 9.31 13.60
CA GLY A 314 13.18 9.46 14.61
C GLY A 314 14.57 9.73 14.02
N VAL A 315 14.74 9.54 12.70
CA VAL A 315 16.06 9.75 12.02
C VAL A 315 16.28 11.25 11.79
N SER A 316 17.45 11.76 12.16
CA SER A 316 17.87 13.18 11.99
C SER A 316 18.17 13.45 10.50
N ASP A 317 17.90 14.67 10.01
CA ASP A 317 18.25 15.11 8.62
C ASP A 317 19.76 15.01 8.45
N ALA A 318 20.52 15.14 9.53
CA ALA A 318 22.01 15.11 9.55
C ALA A 318 22.50 13.69 9.23
N ASP A 319 21.75 12.66 9.65
CA ASP A 319 22.19 11.25 9.60
C ASP A 319 21.59 10.56 8.37
N LEU A 320 20.67 11.21 7.66
CA LEU A 320 19.72 10.53 6.74
C LEU A 320 20.48 9.85 5.59
N LEU A 321 21.50 10.51 5.03
CA LEU A 321 22.16 10.03 3.79
C LEU A 321 23.66 9.89 4.02
N PRO A 322 24.31 8.96 3.29
CA PRO A 322 25.75 8.76 3.40
C PRO A 322 26.48 10.08 3.14
N ALA A 323 27.59 10.26 3.83
CA ALA A 323 28.42 11.49 3.72
C ALA A 323 28.88 11.60 2.26
N GLY A 324 28.58 12.72 1.64
CA GLY A 324 28.98 13.04 0.27
C GLY A 324 28.08 12.46 -0.78
N PHE A 325 27.06 11.68 -0.41
CA PHE A 325 26.19 11.00 -1.41
C PHE A 325 25.54 12.02 -2.35
N GLU A 326 24.95 13.07 -1.81
CA GLU A 326 24.27 14.07 -2.68
C GLU A 326 25.31 14.76 -3.55
N GLU A 327 26.41 15.20 -2.94
CA GLU A 327 27.51 15.85 -3.68
C GLU A 327 27.95 14.95 -4.85
N ARG A 328 28.11 13.65 -4.63
CA ARG A 328 28.67 12.74 -5.65
C ARG A 328 27.64 12.48 -6.77
N THR A 329 26.34 12.60 -6.48
CA THR A 329 25.26 12.26 -7.44
C THR A 329 24.58 13.51 -8.03
N ARG A 330 25.03 14.71 -7.68
CA ARG A 330 24.49 15.98 -8.24
C ARG A 330 24.29 15.82 -9.75
N GLY A 331 23.15 16.25 -10.26
CA GLY A 331 22.95 16.22 -11.72
C GLY A 331 22.38 14.88 -12.18
N ARG A 332 22.99 13.73 -11.83
CA ARG A 332 22.41 12.42 -12.26
C ARG A 332 21.25 12.10 -11.32
N GLY A 333 21.29 12.58 -10.08
CA GLY A 333 20.27 12.19 -9.08
C GLY A 333 19.71 13.39 -8.35
N VAL A 334 18.40 13.36 -8.07
CA VAL A 334 17.73 14.42 -7.26
C VAL A 334 17.05 13.73 -6.08
N VAL A 335 17.35 14.18 -4.87
CA VAL A 335 16.63 13.74 -3.65
C VAL A 335 15.66 14.85 -3.26
N ALA A 336 14.38 14.54 -3.14
CA ALA A 336 13.35 15.51 -2.73
C ALA A 336 12.71 14.99 -1.45
N THR A 337 12.84 15.74 -0.34
CA THR A 337 12.27 15.34 0.97
C THR A 337 10.94 16.07 1.23
N ARG A 338 10.49 16.91 0.30
CA ARG A 338 9.20 17.65 0.37
C ARG A 338 8.16 16.91 -0.48
N TRP A 339 6.92 17.38 -0.52
CA TRP A 339 5.85 16.82 -1.39
C TRP A 339 6.32 16.88 -2.86
N VAL A 340 6.02 15.86 -3.66
CA VAL A 340 6.28 15.87 -5.15
C VAL A 340 5.02 15.47 -5.90
N PRO A 341 4.84 15.89 -7.17
CA PRO A 341 3.68 15.44 -7.95
C PRO A 341 3.87 14.03 -8.53
N GLN A 342 3.63 13.00 -7.71
CA GLN A 342 4.02 11.60 -8.05
C GLN A 342 3.35 11.13 -9.34
N MET A 343 2.07 11.45 -9.56
CA MET A 343 1.40 10.92 -10.76
C MET A 343 1.90 11.63 -12.02
N SER A 344 2.26 12.92 -11.94
CA SER A 344 2.91 13.61 -13.08
C SER A 344 4.31 13.03 -13.32
N ILE A 345 4.99 12.65 -12.25
CA ILE A 345 6.34 12.00 -12.36
C ILE A 345 6.20 10.65 -13.05
N LEU A 346 5.25 9.80 -12.64
CA LEU A 346 5.08 8.45 -13.23
C LEU A 346 4.60 8.52 -14.68
N ALA A 347 3.88 9.58 -15.08
CA ALA A 347 3.46 9.82 -16.48
C ALA A 347 4.60 10.35 -17.35
N HIS A 348 5.73 10.78 -16.77
CA HIS A 348 6.82 11.45 -17.53
C HIS A 348 7.59 10.43 -18.38
N ALA A 349 7.93 10.80 -19.63
CA ALA A 349 8.65 9.94 -20.60
C ALA A 349 10.04 9.56 -20.07
N ALA A 350 10.65 10.39 -19.21
CA ALA A 350 12.03 10.17 -18.69
C ALA A 350 12.04 9.00 -17.71
N VAL A 351 10.92 8.66 -17.08
CA VAL A 351 10.93 7.61 -16.01
C VAL A 351 10.91 6.24 -16.69
N GLY A 352 11.83 5.36 -16.30
CA GLY A 352 12.01 4.02 -16.90
C GLY A 352 11.77 2.87 -15.94
N ALA A 353 11.72 3.14 -14.65
CA ALA A 353 11.56 2.10 -13.62
C ALA A 353 11.11 2.75 -12.33
N PHE A 354 10.44 1.96 -11.49
CA PHE A 354 9.89 2.45 -10.20
C PHE A 354 10.48 1.59 -9.09
N LEU A 355 11.26 2.21 -8.21
CA LEU A 355 11.92 1.49 -7.09
C LEU A 355 11.06 1.77 -5.87
N THR A 356 10.45 0.73 -5.33
CA THR A 356 9.54 0.88 -4.18
C THR A 356 9.64 -0.34 -3.29
N HIS A 357 8.76 -0.45 -2.32
CA HIS A 357 8.74 -1.61 -1.41
C HIS A 357 7.94 -2.72 -2.14
N CYS A 358 7.61 -3.80 -1.47
CA CYS A 358 6.92 -4.91 -2.15
C CYS A 358 5.40 -4.70 -2.14
N GLY A 359 4.94 -3.58 -1.61
CA GLY A 359 3.52 -3.28 -1.34
C GLY A 359 2.65 -3.27 -2.60
N TRP A 360 1.48 -3.90 -2.52
CA TRP A 360 0.58 -4.06 -3.69
C TRP A 360 0.08 -2.69 -4.16
N ASN A 361 -0.22 -1.79 -3.24
CA ASN A 361 -0.70 -0.45 -3.64
C ASN A 361 0.35 0.22 -4.55
N SER A 362 1.64 0.17 -4.19
CA SER A 362 2.71 0.83 -5.00
C SER A 362 2.94 0.10 -6.31
N THR A 363 2.87 -1.23 -6.31
CA THR A 363 2.95 -2.04 -7.55
C THR A 363 1.92 -1.50 -8.52
N ILE A 364 0.68 -1.33 -8.04
CA ILE A 364 -0.44 -0.91 -8.91
C ILE A 364 -0.18 0.51 -9.43
N GLU A 365 0.31 1.41 -8.58
CA GLU A 365 0.62 2.80 -9.02
C GLU A 365 1.68 2.79 -10.11
N GLY A 366 2.70 1.94 -9.98
CA GLY A 366 3.76 1.85 -10.99
C GLY A 366 3.25 1.26 -12.29
N LEU A 367 2.50 0.17 -12.20
CA LEU A 367 2.04 -0.52 -13.44
C LEU A 367 0.97 0.30 -14.14
N MET A 368 0.26 1.15 -13.42
CA MET A 368 -0.75 2.04 -14.02
C MET A 368 -0.07 2.91 -15.09
N PHE A 369 1.24 3.14 -14.94
CA PHE A 369 2.03 3.99 -15.86
C PHE A 369 3.07 3.17 -16.63
N GLY A 370 2.97 1.85 -16.59
CA GLY A 370 3.74 0.91 -17.42
C GLY A 370 5.20 0.86 -17.03
N HIS A 371 5.53 1.06 -15.75
CA HIS A 371 6.92 1.00 -15.25
C HIS A 371 7.20 -0.35 -14.62
N PRO A 372 8.32 -0.98 -14.99
CA PRO A 372 8.76 -2.18 -14.31
C PRO A 372 9.17 -1.78 -12.88
N LEU A 373 9.09 -2.74 -11.98
CA LEU A 373 9.26 -2.50 -10.53
C LEU A 373 10.60 -3.08 -10.07
N ILE A 374 11.30 -2.31 -9.25
CA ILE A 374 12.42 -2.78 -8.41
C ILE A 374 11.94 -2.75 -6.97
N MET A 375 11.74 -3.94 -6.39
CA MET A 375 10.93 -4.09 -5.15
C MET A 375 11.83 -4.44 -3.98
N LEU A 376 11.93 -3.50 -3.03
CA LEU A 376 12.78 -3.66 -1.84
C LEU A 376 12.03 -4.54 -0.83
N PRO A 377 12.73 -5.49 -0.19
CA PRO A 377 12.08 -6.42 0.74
C PRO A 377 11.92 -5.70 2.08
N ILE A 378 10.81 -4.97 2.25
CA ILE A 378 10.59 -4.10 3.44
C ILE A 378 9.47 -4.69 4.29
N PHE A 379 8.39 -5.17 3.65
CA PHE A 379 7.14 -5.67 4.29
C PHE A 379 7.02 -7.20 4.10
N GLY A 380 7.22 -7.96 5.17
CA GLY A 380 7.23 -9.45 5.16
C GLY A 380 6.05 -10.07 4.43
N ASP A 381 4.83 -9.68 4.79
CA ASP A 381 3.55 -10.25 4.29
C ASP A 381 3.37 -9.99 2.78
N GLN A 382 4.24 -9.16 2.18
CA GLN A 382 4.12 -8.65 0.78
C GLN A 382 4.94 -9.51 -0.18
N GLY A 383 5.67 -10.49 0.35
CA GLY A 383 6.44 -11.48 -0.41
C GLY A 383 5.66 -12.00 -1.63
N PRO A 384 4.50 -12.66 -1.45
CA PRO A 384 3.79 -13.23 -2.59
C PRO A 384 3.44 -12.15 -3.63
N ASN A 385 3.05 -10.95 -3.21
CA ASN A 385 2.70 -9.93 -4.21
C ASN A 385 3.91 -9.59 -5.08
N ALA A 386 5.10 -9.49 -4.49
CA ALA A 386 6.30 -9.19 -5.29
C ALA A 386 6.69 -10.41 -6.16
N ARG A 387 6.54 -11.63 -5.63
N ARG A 387 6.58 -11.62 -5.63
CA ARG A 387 6.87 -12.89 -6.33
CA ARG A 387 6.90 -12.85 -6.41
C ARG A 387 5.96 -13.06 -7.56
C ARG A 387 6.02 -12.88 -7.66
N LEU A 388 4.73 -12.53 -7.50
CA LEU A 388 3.79 -12.52 -8.65
C LEU A 388 4.32 -11.57 -9.75
N ILE A 389 4.80 -10.38 -9.39
CA ILE A 389 5.28 -9.41 -10.40
C ILE A 389 6.56 -9.95 -11.03
N GLU A 390 7.39 -10.61 -10.23
CA GLU A 390 8.61 -11.26 -10.76
C GLU A 390 8.19 -12.39 -11.72
N ALA A 391 7.16 -13.17 -11.35
CA ALA A 391 6.69 -14.30 -12.20
C ALA A 391 6.17 -13.77 -13.54
N LYS A 392 5.65 -12.56 -13.57
CA LYS A 392 5.13 -11.89 -14.79
C LYS A 392 6.25 -11.18 -15.55
N ASN A 393 7.49 -11.22 -15.03
CA ASN A 393 8.66 -10.60 -15.70
C ASN A 393 8.48 -9.08 -15.79
N ALA A 394 7.76 -8.47 -14.85
CA ALA A 394 7.41 -7.03 -14.87
C ALA A 394 8.19 -6.32 -13.76
N GLY A 395 9.04 -7.03 -13.05
CA GLY A 395 9.82 -6.47 -11.94
C GLY A 395 10.73 -7.50 -11.32
N LEU A 396 11.55 -7.04 -10.40
CA LEU A 396 12.54 -7.86 -9.68
C LEU A 396 12.51 -7.47 -8.20
N GLN A 397 12.42 -8.46 -7.32
CA GLN A 397 12.65 -8.25 -5.87
C GLN A 397 14.15 -8.17 -5.63
N VAL A 398 14.57 -7.13 -4.93
CA VAL A 398 15.95 -6.98 -4.42
C VAL A 398 16.21 -8.16 -3.46
N ALA A 399 17.38 -8.78 -3.59
CA ALA A 399 17.80 -9.95 -2.79
C ALA A 399 17.58 -9.69 -1.29
N ARG A 400 17.00 -10.66 -0.59
CA ARG A 400 16.83 -10.70 0.88
C ARG A 400 17.98 -11.56 1.44
N ASN A 401 18.88 -10.96 2.22
CA ASN A 401 20.03 -11.64 2.87
C ASN A 401 19.52 -12.50 4.02
N ASP A 402 19.89 -13.79 4.02
CA ASP A 402 19.59 -14.75 5.12
C ASP A 402 20.54 -14.40 6.28
N GLY A 403 20.23 -13.29 6.95
CA GLY A 403 20.96 -12.73 8.09
C GLY A 403 20.04 -11.80 8.88
N ASP A 404 19.67 -10.67 8.25
CA ASP A 404 18.75 -9.66 8.82
C ASP A 404 17.39 -9.72 8.09
N GLY A 405 17.23 -10.64 7.14
CA GLY A 405 16.05 -10.72 6.26
C GLY A 405 15.86 -9.43 5.46
N SER A 406 16.94 -8.68 5.19
CA SER A 406 16.89 -7.34 4.53
C SER A 406 17.96 -7.26 3.41
N PHE A 407 18.19 -6.07 2.87
CA PHE A 407 18.94 -5.89 1.60
C PHE A 407 20.22 -5.10 1.88
N ASP A 408 21.13 -5.07 0.91
CA ASP A 408 22.35 -4.24 0.96
C ASP A 408 22.55 -3.55 -0.39
N ARG A 409 23.52 -2.67 -0.48
CA ARG A 409 23.80 -1.85 -1.68
C ARG A 409 24.05 -2.75 -2.89
N GLU A 410 24.69 -3.90 -2.68
CA GLU A 410 25.03 -4.85 -3.76
C GLU A 410 23.74 -5.42 -4.39
N GLY A 411 22.75 -5.82 -3.59
CA GLY A 411 21.47 -6.35 -4.11
C GLY A 411 20.66 -5.26 -4.81
N VAL A 412 20.67 -4.04 -4.25
CA VAL A 412 19.98 -2.87 -4.85
C VAL A 412 20.59 -2.58 -6.22
N ALA A 413 21.92 -2.46 -6.31
CA ALA A 413 22.61 -2.16 -7.58
C ALA A 413 22.33 -3.29 -8.59
N ALA A 414 22.31 -4.55 -8.16
CA ALA A 414 22.14 -5.70 -9.08
C ALA A 414 20.75 -5.64 -9.70
N ALA A 415 19.74 -5.34 -8.87
CA ALA A 415 18.34 -5.21 -9.31
C ALA A 415 18.21 -4.06 -10.32
N ILE A 416 18.80 -2.92 -10.00
CA ILE A 416 18.77 -1.72 -10.90
C ILE A 416 19.47 -2.08 -12.22
N ARG A 417 20.63 -2.74 -12.17
CA ARG A 417 21.38 -3.16 -13.39
C ARG A 417 20.42 -3.97 -14.27
N ALA A 418 19.71 -4.94 -13.71
CA ALA A 418 18.91 -5.92 -14.50
C ALA A 418 17.67 -5.22 -15.08
N VAL A 419 17.02 -4.35 -14.30
CA VAL A 419 15.72 -3.73 -14.71
C VAL A 419 15.96 -2.47 -15.55
N ALA A 420 17.03 -1.70 -15.27
CA ALA A 420 17.21 -0.34 -15.80
C ALA A 420 18.43 -0.19 -16.71
N VAL A 421 19.50 -0.95 -16.49
CA VAL A 421 20.81 -0.65 -17.15
C VAL A 421 21.04 -1.58 -18.36
N GLU A 422 21.12 -2.89 -18.16
CA GLU A 422 21.46 -3.85 -19.25
C GLU A 422 20.41 -3.71 -20.37
N GLU A 423 20.87 -3.63 -21.62
CA GLU A 423 20.03 -3.34 -22.81
C GLU A 423 18.95 -4.43 -23.00
N GLU A 424 19.34 -5.71 -23.01
CA GLU A 424 18.42 -6.82 -23.35
C GLU A 424 17.35 -6.93 -22.25
N SER A 425 17.78 -7.09 -20.99
CA SER A 425 16.88 -7.37 -19.84
C SER A 425 15.95 -6.18 -19.58
N SER A 426 16.46 -4.96 -19.63
CA SER A 426 15.65 -3.73 -19.37
C SER A 426 14.56 -3.60 -20.42
N LYS A 427 14.86 -3.96 -21.68
CA LYS A 427 13.88 -3.92 -22.79
C LYS A 427 12.72 -4.87 -22.49
N VAL A 428 13.01 -6.06 -21.98
CA VAL A 428 11.98 -7.10 -21.64
C VAL A 428 11.14 -6.60 -20.47
N PHE A 429 11.75 -6.11 -19.39
CA PHE A 429 11.02 -5.56 -18.21
C PHE A 429 10.06 -4.45 -18.69
N GLN A 430 10.56 -3.52 -19.50
CA GLN A 430 9.75 -2.37 -20.00
C GLN A 430 8.54 -2.88 -20.79
N ALA A 431 8.73 -3.83 -21.70
CA ALA A 431 7.67 -4.36 -22.59
C ALA A 431 6.63 -5.10 -21.74
N LYS A 432 7.07 -5.91 -20.76
CA LYS A 432 6.15 -6.67 -19.89
C LYS A 432 5.32 -5.68 -19.06
N ALA A 433 5.95 -4.66 -18.48
CA ALA A 433 5.22 -3.68 -17.65
C ALA A 433 4.25 -2.89 -18.54
N LYS A 434 4.62 -2.55 -19.78
CA LYS A 434 3.71 -1.81 -20.70
C LYS A 434 2.49 -2.68 -21.03
N LYS A 435 2.70 -3.99 -21.19
CA LYS A 435 1.62 -4.95 -21.50
C LYS A 435 0.65 -4.98 -20.31
N LEU A 436 1.17 -5.05 -19.09
CA LEU A 436 0.35 -5.06 -17.85
C LEU A 436 -0.40 -3.74 -17.68
N GLN A 437 0.16 -2.62 -18.13
CA GLN A 437 -0.49 -1.30 -17.99
C GLN A 437 -1.87 -1.33 -18.68
N GLU A 438 -2.03 -2.09 -19.76
CA GLU A 438 -3.30 -2.21 -20.51
C GLU A 438 -4.42 -2.68 -19.55
N ILE A 439 -4.09 -3.60 -18.64
CA ILE A 439 -5.05 -4.15 -17.65
C ILE A 439 -5.17 -3.18 -16.46
N VAL A 440 -4.05 -2.69 -15.95
CA VAL A 440 -4.08 -1.92 -14.67
C VAL A 440 -4.79 -0.59 -14.89
N ALA A 441 -4.56 0.09 -16.02
CA ALA A 441 -5.06 1.46 -16.28
C ALA A 441 -6.44 1.46 -16.95
N ASP A 442 -7.05 0.29 -17.15
CA ASP A 442 -8.44 0.16 -17.65
C ASP A 442 -9.43 0.53 -16.54
N MET A 443 -9.67 1.82 -16.35
CA MET A 443 -10.37 2.40 -15.18
C MET A 443 -11.83 1.91 -15.17
N ALA A 444 -12.45 1.73 -16.35
CA ALA A 444 -13.86 1.29 -16.43
C ALA A 444 -13.97 -0.18 -15.99
N CYS A 445 -13.00 -1.02 -16.36
CA CYS A 445 -12.92 -2.45 -15.95
C CYS A 445 -12.95 -2.51 -14.42
N HIS A 446 -12.10 -1.70 -13.79
CA HIS A 446 -11.98 -1.71 -12.32
C HIS A 446 -13.23 -1.12 -11.65
N GLU A 447 -13.92 -0.18 -12.27
CA GLU A 447 -15.16 0.38 -11.68
C GLU A 447 -16.23 -0.71 -11.73
N ARG A 448 -16.29 -1.48 -12.82
CA ARG A 448 -17.26 -2.61 -12.92
C ARG A 448 -17.00 -3.63 -11.80
N TYR A 449 -15.74 -3.80 -11.37
CA TYR A 449 -15.42 -4.74 -10.27
C TYR A 449 -15.92 -4.20 -8.94
N ILE A 450 -15.90 -2.88 -8.77
CA ILE A 450 -16.50 -2.24 -7.56
C ILE A 450 -18.00 -2.51 -7.57
N ASP A 451 -18.66 -2.41 -8.73
CA ASP A 451 -20.10 -2.71 -8.78
C ASP A 451 -20.35 -4.19 -8.45
N GLY A 452 -19.50 -5.08 -8.96
CA GLY A 452 -19.58 -6.53 -8.72
C GLY A 452 -19.43 -6.83 -7.25
N PHE A 453 -18.49 -6.17 -6.58
CA PHE A 453 -18.29 -6.27 -5.12
C PHE A 453 -19.54 -5.86 -4.35
N ILE A 454 -20.12 -4.71 -4.70
CA ILE A 454 -21.37 -4.23 -4.06
C ILE A 454 -22.44 -5.29 -4.23
N GLN A 455 -22.58 -5.86 -5.43
CA GLN A 455 -23.56 -6.93 -5.67
C GLN A 455 -23.30 -8.12 -4.74
N GLN A 456 -22.04 -8.50 -4.52
CA GLN A 456 -21.69 -9.63 -3.62
C GLN A 456 -22.08 -9.26 -2.18
N LEU A 457 -21.84 -8.02 -1.76
CA LEU A 457 -22.23 -7.58 -0.40
C LEU A 457 -23.75 -7.73 -0.25
N ARG A 458 -24.51 -7.19 -1.21
CA ARG A 458 -26.00 -7.33 -1.22
C ARG A 458 -26.37 -8.80 -1.18
N SER A 459 -25.87 -9.57 -2.15
CA SER A 459 -26.24 -10.99 -2.36
C SER A 459 -26.10 -11.73 -1.03
N TYR A 460 -25.05 -11.41 -0.27
CA TYR A 460 -24.79 -11.97 1.08
C TYR A 460 -25.58 -11.15 2.12
#